data_3VWS
#
_entry.id   3VWS
#
_cell.length_a   161.460
_cell.length_b   177.730
_cell.length_c   57.930
_cell.angle_alpha   90.00
_cell.angle_beta   90.00
_cell.angle_gamma   90.00
#
_symmetry.space_group_name_H-M   'C 2 2 21'
#
loop_
_entity.id
_entity.type
_entity.pdbx_description
1 polymer 'Non-structural protein 5'
2 non-polymer 'ZINC ION'
3 non-polymer '5-{[(4-chlorophenyl)sulfonyl]amino}-2-methyl-1-benzofuran-3-carboxylic acid'
4 non-polymer DI(HYDROXYETHYL)ETHER
5 water water
#
_entity_poly.entity_id   1
_entity_poly.type   'polypeptide(L)'
_entity_poly.pdbx_seq_one_letter_code
;GSHMLDNMDVIGERIKRIKEEHNSTWHYDDENPYKTWAYHGSYEVKATGSASSMINGVVKLLTKPWDVVPMVTQMAMTDT
TPFGQQRVFKEKVDTRTPRPLPGTRKVMEITAEWLWRTLGRNKRPRLCTREEFTKKVRTNAAMGAVFTEENQWDSAKAAV
EDEEFWKLVDRERELHKLGKCGSCVYNMMGKREKKLGEFGKAKGSRAIWYMWLGVRYLEFEALGFLNEDHWFSRENSYSG
VEGEGLHKLGYILRDISKIPGGAMYADDTAGWDTRITEDDLHNEEKIIQQMDPEHRQLANAIFKLTYQNKVVKVQRPTPT
GTVMDIISRKDQRGSGQVGTYGLNTFTNMEAQLVRQMEGEGVLTKADLENPHLLEKKITQWLETKGVERLKRMAISGDDC
VVKPIDDRFANALLALNDMGKVRKDIPQWQPSKGWHDWQQVPFCSHHFHELIMKDGRKLVVPCRPQDELIGRARISQGAG
WSLRETACLGKAYAQMWSLMYFHRRDLRLASNAICSAVPVHWVPTSRTTWSIHAHHQWMTTEDMLTVWNRVWIEENPWME
DKTPVTTWENVPYLGKREDQWCGSLIGLTSRATWAQNIPTAIQQVRSLIGNEEFLDYMPSMKRFRKEEESEGAIW
;
_entity_poly.pdbx_strand_id   A
#
loop_
_chem_comp.id
_chem_comp.type
_chem_comp.name
_chem_comp.formula
PEG non-polymer DI(HYDROXYETHYL)ETHER 'C4 H10 O3'
VWS non-polymer '5-{[(4-chlorophenyl)sulfonyl]amino}-2-methyl-1-benzofuran-3-carboxylic acid' 'C16 H12 Cl N O5 S'
ZN non-polymer 'ZINC ION' 'Zn 2'
#
# COMPACT_ATOMS: atom_id res chain seq x y z
N ASN A 7 18.77 26.23 2.01
CA ASN A 7 18.01 25.11 2.56
C ASN A 7 17.54 25.34 4.01
N MET A 8 18.41 25.91 4.88
CA MET A 8 18.10 26.17 6.30
C MET A 8 16.97 27.20 6.52
N ASP A 9 16.64 28.01 5.50
CA ASP A 9 15.55 28.97 5.56
C ASP A 9 14.20 28.25 5.71
N VAL A 10 14.03 27.10 4.99
CA VAL A 10 12.80 26.29 5.02
C VAL A 10 12.74 25.32 6.22
N ILE A 11 13.85 24.66 6.54
CA ILE A 11 13.91 23.65 7.63
C ILE A 11 14.42 24.14 9.01
N GLY A 12 15.00 25.34 9.07
CA GLY A 12 15.58 25.94 10.27
C GLY A 12 14.72 25.90 11.52
N GLU A 13 13.49 26.44 11.41
CA GLU A 13 12.52 26.48 12.52
C GLU A 13 12.25 25.11 13.12
N ARG A 14 12.09 24.07 12.28
CA ARG A 14 11.84 22.70 12.75
C ARG A 14 13.00 22.15 13.57
N ILE A 15 14.26 22.26 13.06
CA ILE A 15 15.45 21.78 13.79
C ILE A 15 15.63 22.56 15.09
N LYS A 16 15.52 23.91 15.03
CA LYS A 16 15.56 24.83 16.17
C LYS A 16 14.63 24.36 17.30
N ARG A 17 13.36 24.01 16.98
CA ARG A 17 12.40 23.53 17.98
C ARG A 17 12.74 22.18 18.58
N ILE A 18 13.28 21.25 17.76
CA ILE A 18 13.67 19.91 18.21
C ILE A 18 14.86 20.06 19.18
N LYS A 19 15.83 20.90 18.79
CA LYS A 19 17.05 21.23 19.54
C LYS A 19 16.69 21.80 20.93
N GLU A 20 15.72 22.77 20.96
CA GLU A 20 15.23 23.41 22.18
C GLU A 20 14.53 22.44 23.13
N GLU A 21 13.63 21.59 22.59
CA GLU A 21 12.85 20.59 23.33
C GLU A 21 13.73 19.47 23.94
N HIS A 22 14.93 19.25 23.38
CA HIS A 22 15.86 18.21 23.83
C HIS A 22 17.25 18.80 24.14
N ASN A 23 17.29 20.05 24.66
CA ASN A 23 18.51 20.81 25.00
C ASN A 23 19.48 20.09 25.96
N SER A 24 18.97 19.14 26.76
CA SER A 24 19.76 18.38 27.72
C SER A 24 20.68 17.32 27.06
N THR A 25 20.12 16.50 26.14
CA THR A 25 20.85 15.41 25.47
C THR A 25 21.33 15.72 24.04
N TRP A 26 21.02 16.93 23.51
CA TRP A 26 21.41 17.35 22.15
C TRP A 26 22.91 17.45 21.93
N HIS A 27 23.40 16.87 20.81
CA HIS A 27 24.81 16.84 20.40
C HIS A 27 24.95 16.54 18.90
N TYR A 28 26.05 17.02 18.27
CA TYR A 28 26.35 16.73 16.88
C TYR A 28 27.34 15.59 16.80
N ASP A 29 26.86 14.39 16.44
CA ASP A 29 27.70 13.21 16.28
C ASP A 29 28.51 13.37 15.00
N ASP A 30 29.85 13.40 15.13
CA ASP A 30 30.78 13.55 14.01
C ASP A 30 30.86 12.26 13.16
N GLU A 31 30.47 11.11 13.75
CA GLU A 31 30.48 9.77 13.15
C GLU A 31 29.11 9.27 12.67
N ASN A 32 28.16 10.18 12.35
CA ASN A 32 26.81 9.83 11.87
C ASN A 32 26.88 9.02 10.55
N PRO A 33 26.03 7.98 10.36
CA PRO A 33 26.11 7.19 9.11
C PRO A 33 25.59 7.84 7.82
N TYR A 34 25.05 9.07 7.88
CA TYR A 34 24.42 9.77 6.75
C TYR A 34 25.35 10.32 5.68
N LYS A 35 25.14 9.89 4.42
CA LYS A 35 25.95 10.28 3.26
C LYS A 35 25.23 11.18 2.26
N THR A 36 23.91 10.96 2.04
CA THR A 36 23.16 11.72 1.04
C THR A 36 22.03 12.54 1.70
N TRP A 37 21.80 12.29 2.98
CA TRP A 37 20.84 13.04 3.78
C TRP A 37 21.69 14.00 4.63
N ALA A 38 21.25 15.26 4.75
CA ALA A 38 21.93 16.26 5.59
C ALA A 38 21.64 15.88 7.05
N TYR A 39 22.69 15.76 7.88
CA TYR A 39 22.57 15.41 9.30
C TYR A 39 22.67 16.70 10.14
N HIS A 40 21.78 16.86 11.14
CA HIS A 40 21.73 18.09 11.94
C HIS A 40 22.17 17.95 13.39
N GLY A 41 21.86 16.80 13.97
CA GLY A 41 22.20 16.50 15.35
C GLY A 41 21.40 15.32 15.85
N SER A 42 21.66 14.93 17.10
CA SER A 42 20.99 13.82 17.77
C SER A 42 20.71 14.15 19.23
N TYR A 43 19.87 13.33 19.88
CA TYR A 43 19.49 13.39 21.28
C TYR A 43 19.16 11.96 21.78
N GLU A 44 19.22 11.72 23.11
CA GLU A 44 18.94 10.41 23.71
C GLU A 44 17.45 10.06 23.71
N VAL A 45 17.13 8.76 23.60
CA VAL A 45 15.75 8.29 23.57
C VAL A 45 15.52 6.89 24.21
N LYS A 46 14.24 6.53 24.50
CA LYS A 46 13.78 5.27 25.08
C LYS A 46 13.62 4.16 23.99
N ALA A 47 12.99 3.01 24.36
CA ALA A 47 12.71 1.85 23.49
C ALA A 47 11.53 1.01 24.08
N THR A 48 11.21 -0.16 23.45
CA THR A 48 10.14 -1.06 23.90
C THR A 48 10.56 -2.53 23.77
N SER A 53 5.45 -8.00 18.34
CA SER A 53 4.69 -9.05 17.66
C SER A 53 4.73 -10.40 18.39
N MET A 54 3.53 -10.93 18.67
CA MET A 54 3.29 -12.20 19.36
C MET A 54 2.74 -13.20 18.33
N ILE A 55 2.82 -14.50 18.62
CA ILE A 55 2.25 -15.52 17.76
C ILE A 55 0.79 -15.75 18.16
N ASN A 56 -0.12 -15.82 17.17
CA ASN A 56 -1.53 -16.11 17.39
C ASN A 56 -1.68 -17.61 17.66
N GLY A 57 -1.76 -17.96 18.94
CA GLY A 57 -1.88 -19.35 19.40
C GLY A 57 -3.10 -20.09 18.89
N VAL A 58 -4.19 -19.35 18.58
CA VAL A 58 -5.45 -19.95 18.08
C VAL A 58 -5.21 -20.46 16.67
N VAL A 59 -4.69 -19.60 15.76
CA VAL A 59 -4.35 -19.94 14.38
C VAL A 59 -3.26 -21.01 14.36
N LYS A 60 -2.19 -20.84 15.16
CA LYS A 60 -1.07 -21.79 15.23
C LYS A 60 -1.55 -23.20 15.59
N LEU A 61 -2.39 -23.30 16.63
CA LEU A 61 -2.93 -24.58 17.08
C LEU A 61 -3.75 -25.30 16.01
N LEU A 62 -4.42 -24.53 15.12
CA LEU A 62 -5.26 -25.09 14.09
C LEU A 62 -4.58 -25.21 12.71
N THR A 63 -3.26 -24.90 12.63
CA THR A 63 -2.45 -25.00 11.40
C THR A 63 -1.12 -25.71 11.72
N LYS A 64 -1.19 -26.88 12.41
CA LYS A 64 -0.02 -27.69 12.83
C LYS A 64 0.99 -28.03 11.71
N PRO A 65 0.56 -28.50 10.51
CA PRO A 65 1.54 -28.82 9.45
C PRO A 65 2.49 -27.68 9.06
N TRP A 66 2.07 -26.43 9.28
CA TRP A 66 2.83 -25.24 8.93
C TRP A 66 3.75 -24.76 10.04
N ASP A 67 3.73 -25.46 11.20
CA ASP A 67 4.51 -25.09 12.39
C ASP A 67 5.93 -24.62 12.17
N VAL A 68 6.74 -25.45 11.52
CA VAL A 68 8.13 -25.05 11.35
C VAL A 68 8.54 -24.76 9.86
N VAL A 69 7.49 -24.72 8.96
CA VAL A 69 7.57 -24.42 7.51
C VAL A 69 8.37 -23.12 7.36
N PRO A 70 9.46 -23.13 6.56
CA PRO A 70 10.33 -21.96 6.45
C PRO A 70 9.71 -20.57 6.34
N MET A 71 8.78 -20.34 5.38
CA MET A 71 8.16 -19.01 5.26
C MET A 71 7.39 -18.59 6.51
N VAL A 72 6.67 -19.54 7.12
CA VAL A 72 5.88 -19.30 8.33
C VAL A 72 6.78 -18.91 9.51
N THR A 73 7.88 -19.67 9.73
CA THR A 73 8.87 -19.40 10.80
C THR A 73 9.54 -18.04 10.59
N GLN A 74 9.85 -17.69 9.32
CA GLN A 74 10.48 -16.42 8.96
C GLN A 74 9.60 -15.22 9.34
N MET A 75 8.31 -15.26 8.98
CA MET A 75 7.37 -14.18 9.26
C MET A 75 7.18 -13.91 10.75
N ALA A 76 7.34 -14.96 11.59
CA ALA A 76 7.27 -14.89 13.05
C ALA A 76 8.30 -13.90 13.63
N MET A 77 9.49 -13.77 12.99
CA MET A 77 10.55 -12.86 13.43
C MET A 77 10.78 -11.64 12.51
N THR A 78 11.27 -11.88 11.26
CA THR A 78 11.61 -10.87 10.23
C THR A 78 12.62 -9.81 10.67
N GLN A 86 9.56 0.07 4.01
CA GLN A 86 9.55 1.48 3.62
C GLN A 86 9.87 2.41 4.82
N ARG A 87 9.34 2.07 6.01
CA ARG A 87 9.52 2.81 7.25
C ARG A 87 10.99 2.74 7.76
N VAL A 88 11.73 1.68 7.39
CA VAL A 88 13.12 1.45 7.77
C VAL A 88 14.08 2.29 6.88
N PHE A 89 15.11 2.93 7.51
CA PHE A 89 16.13 3.71 6.80
C PHE A 89 17.25 2.75 6.36
N LYS A 90 17.03 2.07 5.23
CA LYS A 90 17.95 1.10 4.65
C LYS A 90 19.07 1.79 3.87
N GLU A 91 20.01 0.99 3.31
CA GLU A 91 21.15 1.48 2.52
C GLU A 91 20.64 2.27 1.31
N LYS A 92 19.61 1.74 0.60
CA LYS A 92 19.00 2.36 -0.58
C LYS A 92 18.31 3.69 -0.33
N VAL A 93 17.88 3.97 0.92
CA VAL A 93 17.28 5.29 1.24
C VAL A 93 18.40 6.36 1.19
N ASP A 94 19.60 5.97 1.65
CA ASP A 94 20.79 6.82 1.66
C ASP A 94 21.60 6.74 0.33
N THR A 95 20.89 6.99 -0.80
CA THR A 95 21.47 7.05 -2.14
C THR A 95 20.89 8.27 -2.85
N ARG A 96 21.53 8.69 -3.95
CA ARG A 96 21.09 9.78 -4.82
C ARG A 96 20.75 9.12 -6.17
N THR A 97 19.76 9.68 -6.89
CA THR A 97 19.33 9.16 -8.20
C THR A 97 19.93 10.13 -9.20
N PRO A 98 20.65 9.67 -10.26
CA PRO A 98 21.22 10.63 -11.22
C PRO A 98 20.11 11.45 -11.84
N ARG A 99 20.40 12.71 -12.13
CA ARG A 99 19.41 13.61 -12.67
C ARG A 99 19.00 13.17 -14.08
N PRO A 100 17.67 13.05 -14.38
CA PRO A 100 17.25 12.72 -15.74
C PRO A 100 17.79 13.73 -16.75
N LEU A 101 17.99 13.31 -17.99
CA LEU A 101 18.45 14.13 -19.12
C LEU A 101 17.46 15.24 -19.46
N PRO A 102 17.86 16.33 -20.18
CA PRO A 102 16.91 17.43 -20.41
C PRO A 102 15.72 17.10 -21.29
N GLY A 103 15.90 16.23 -22.29
CA GLY A 103 14.78 15.83 -23.14
C GLY A 103 13.82 14.96 -22.34
N THR A 104 14.34 14.11 -21.43
CA THR A 104 13.51 13.29 -20.57
C THR A 104 12.69 14.20 -19.65
N ARG A 105 13.31 15.27 -19.11
CA ARG A 105 12.63 16.22 -18.22
C ARG A 105 11.48 16.94 -18.94
N LYS A 106 11.67 17.28 -20.22
CA LYS A 106 10.65 17.92 -21.06
C LYS A 106 9.45 16.96 -21.25
N VAL A 107 9.71 15.69 -21.67
CA VAL A 107 8.67 14.67 -21.89
C VAL A 107 7.86 14.50 -20.64
N MET A 108 8.55 14.36 -19.47
CA MET A 108 7.87 14.16 -18.20
C MET A 108 6.96 15.30 -17.86
N GLU A 109 7.37 16.55 -18.19
CA GLU A 109 6.63 17.76 -17.92
C GLU A 109 5.41 17.82 -18.79
N ILE A 110 5.54 17.57 -20.10
CA ILE A 110 4.41 17.54 -21.03
C ILE A 110 3.38 16.48 -20.60
N THR A 111 3.87 15.29 -20.27
CA THR A 111 3.02 14.19 -19.84
C THR A 111 2.33 14.50 -18.50
N ALA A 112 3.08 15.06 -17.51
CA ALA A 112 2.48 15.39 -16.20
C ALA A 112 1.33 16.39 -16.36
N GLU A 113 1.53 17.41 -17.18
CA GLU A 113 0.54 18.45 -17.47
C GLU A 113 -0.69 17.84 -18.08
N TRP A 114 -0.52 17.02 -19.13
CA TRP A 114 -1.66 16.34 -19.79
C TRP A 114 -2.35 15.39 -18.81
N LEU A 115 -1.57 14.63 -18.03
CA LEU A 115 -2.16 13.69 -17.09
C LEU A 115 -3.03 14.39 -16.05
N TRP A 116 -2.50 15.41 -15.34
CA TRP A 116 -3.30 16.18 -14.38
C TRP A 116 -4.59 16.76 -15.02
N ARG A 117 -4.50 17.28 -16.27
CA ARG A 117 -5.70 17.82 -16.92
CA ARG A 117 -5.66 17.83 -16.99
C ARG A 117 -6.74 16.73 -17.18
N THR A 118 -6.31 15.50 -17.56
CA THR A 118 -7.15 14.32 -17.78
C THR A 118 -7.83 13.86 -16.48
N LEU A 119 -7.05 13.76 -15.41
CA LEU A 119 -7.53 13.33 -14.09
C LEU A 119 -8.51 14.31 -13.45
N GLY A 120 -8.42 15.59 -13.82
CA GLY A 120 -9.28 16.66 -13.31
C GLY A 120 -10.41 17.10 -14.23
N ARG A 121 -10.65 16.37 -15.34
CA ARG A 121 -11.69 16.68 -16.32
C ARG A 121 -13.13 16.78 -15.72
N ASN A 122 -13.46 15.96 -14.70
CA ASN A 122 -14.78 15.95 -14.05
C ASN A 122 -14.70 16.36 -12.57
N LYS A 123 -13.60 16.00 -11.89
CA LYS A 123 -13.44 16.32 -10.47
C LYS A 123 -12.69 17.62 -10.28
N ARG A 124 -13.02 18.34 -9.22
CA ARG A 124 -12.30 19.56 -8.88
C ARG A 124 -11.62 19.29 -7.54
N PRO A 125 -10.33 19.63 -7.38
CA PRO A 125 -9.68 19.45 -6.06
C PRO A 125 -10.41 20.26 -4.98
N ARG A 126 -10.30 19.83 -3.70
CA ARG A 126 -10.94 20.53 -2.57
C ARG A 126 -10.22 20.18 -1.28
N LEU A 127 -10.38 21.01 -0.24
CA LEU A 127 -9.81 20.77 1.07
C LEU A 127 -10.60 19.69 1.77
N CYS A 128 -9.88 18.83 2.48
CA CYS A 128 -10.48 17.80 3.31
C CYS A 128 -10.55 18.41 4.71
N THR A 129 -11.42 17.86 5.58
CA THR A 129 -11.79 18.53 6.82
C THR A 129 -11.42 17.81 8.09
N ARG A 130 -11.50 18.53 9.26
CA ARG A 130 -11.29 17.98 10.59
C ARG A 130 -12.32 16.84 10.86
N GLU A 131 -13.56 17.01 10.41
CA GLU A 131 -14.64 16.03 10.55
C GLU A 131 -14.33 14.75 9.75
N GLU A 132 -13.83 14.88 8.49
CA GLU A 132 -13.44 13.72 7.66
C GLU A 132 -12.34 12.89 8.34
N PHE A 133 -11.32 13.58 8.85
CA PHE A 133 -10.16 13.00 9.54
C PHE A 133 -10.57 12.30 10.83
N THR A 134 -11.43 12.96 11.64
CA THR A 134 -11.97 12.45 12.90
C THR A 134 -12.77 11.16 12.63
N LYS A 135 -13.65 11.17 11.59
CA LYS A 135 -14.46 10.01 11.21
C LYS A 135 -13.53 8.83 10.81
N LYS A 136 -12.49 9.09 9.97
CA LYS A 136 -11.51 8.09 9.51
C LYS A 136 -10.75 7.51 10.72
N VAL A 137 -10.27 8.39 11.62
CA VAL A 137 -9.55 7.95 12.83
C VAL A 137 -10.43 6.98 13.64
N ARG A 138 -11.64 7.43 14.03
CA ARG A 138 -12.63 6.69 14.81
C ARG A 138 -13.07 5.37 14.15
N THR A 139 -13.42 5.39 12.85
CA THR A 139 -13.84 4.17 12.14
C THR A 139 -12.72 3.14 11.96
N ASN A 140 -11.46 3.59 11.89
CA ASN A 140 -10.32 2.68 11.74
C ASN A 140 -9.70 2.30 13.09
N ALA A 141 -10.02 3.06 14.18
CA ALA A 141 -9.57 2.77 15.55
C ALA A 141 -10.27 1.51 16.08
N ALA A 142 -11.45 1.20 15.50
CA ALA A 142 -12.25 0.00 15.78
C ALA A 142 -11.45 -1.27 15.42
N MET A 143 -10.60 -1.16 14.37
CA MET A 143 -9.72 -2.22 13.85
C MET A 143 -8.33 -2.19 14.50
N GLY A 144 -8.20 -1.54 15.65
CA GLY A 144 -6.93 -1.43 16.37
C GLY A 144 -6.16 -0.17 16.04
N ALA A 145 -4.82 -0.29 15.89
CA ALA A 145 -3.91 0.82 15.57
C ALA A 145 -4.21 1.44 14.20
N VAL A 146 -4.20 2.78 14.11
CA VAL A 146 -4.47 3.56 12.89
C VAL A 146 -3.16 4.12 12.33
N PHE A 147 -2.19 4.42 13.23
CA PHE A 147 -0.90 5.02 12.85
C PHE A 147 0.34 4.38 13.49
N THR A 148 1.50 4.52 12.80
CA THR A 148 2.80 4.00 13.25
C THR A 148 3.29 4.68 14.54
N GLU A 149 2.92 5.96 14.75
CA GLU A 149 3.31 6.72 15.95
C GLU A 149 2.39 6.52 17.18
N GLU A 150 1.33 5.69 17.05
CA GLU A 150 0.37 5.37 18.12
C GLU A 150 0.98 4.49 19.21
N ASN A 151 0.99 5.01 20.44
CA ASN A 151 1.50 4.34 21.65
C ASN A 151 0.30 3.78 22.43
N GLN A 152 0.56 3.18 23.62
CA GLN A 152 -0.52 2.72 24.50
C GLN A 152 -1.03 3.92 25.30
N TRP A 153 -0.27 5.04 25.25
CA TRP A 153 -0.55 6.32 25.89
C TRP A 153 -1.00 7.37 24.86
N ASP A 154 -0.50 7.26 23.62
CA ASP A 154 -0.81 8.17 22.52
C ASP A 154 -1.83 7.59 21.53
N SER A 155 -3.11 7.73 21.86
CA SER A 155 -4.21 7.24 21.03
C SER A 155 -4.60 8.34 20.03
N ALA A 156 -4.86 7.93 18.77
CA ALA A 156 -5.29 8.87 17.72
C ALA A 156 -6.73 9.31 18.00
N LYS A 157 -7.56 8.38 18.50
CA LYS A 157 -8.96 8.61 18.88
C LYS A 157 -9.05 9.63 20.01
N ALA A 158 -8.14 9.57 21.00
CA ALA A 158 -8.10 10.48 22.13
C ALA A 158 -7.72 11.87 21.68
N ALA A 159 -6.64 11.97 20.86
CA ALA A 159 -6.08 13.21 20.31
C ALA A 159 -7.12 13.96 19.46
N VAL A 160 -7.86 13.23 18.62
CA VAL A 160 -8.89 13.74 17.73
C VAL A 160 -10.09 14.32 18.52
N GLU A 161 -10.37 13.76 19.71
CA GLU A 161 -11.43 14.19 20.62
C GLU A 161 -11.01 15.41 21.43
N ASP A 162 -9.68 15.71 21.47
CA ASP A 162 -9.10 16.83 22.21
C ASP A 162 -9.06 18.13 21.40
N GLU A 163 -9.67 19.19 21.96
CA GLU A 163 -9.72 20.53 21.36
C GLU A 163 -8.34 21.20 21.28
N GLU A 164 -7.44 20.87 22.24
CA GLU A 164 -6.06 21.39 22.26
C GLU A 164 -5.27 20.93 21.04
N PHE A 165 -5.48 19.65 20.60
CA PHE A 165 -4.84 19.11 19.40
C PHE A 165 -5.24 19.96 18.18
N TRP A 166 -6.52 20.36 18.08
CA TRP A 166 -7.04 21.15 16.97
C TRP A 166 -6.56 22.60 16.99
N LYS A 167 -6.24 23.11 18.19
CA LYS A 167 -5.68 24.46 18.40
C LYS A 167 -4.26 24.51 17.83
N LEU A 168 -3.48 23.46 18.08
CA LEU A 168 -2.12 23.32 17.56
C LEU A 168 -2.13 23.20 16.04
N VAL A 169 -3.11 22.47 15.50
CA VAL A 169 -3.31 22.30 14.07
C VAL A 169 -3.47 23.68 13.43
N ASP A 170 -4.40 24.50 14.00
CA ASP A 170 -4.67 25.86 13.55
C ASP A 170 -3.44 26.74 13.55
N ARG A 171 -2.65 26.65 14.61
CA ARG A 171 -1.41 27.42 14.75
C ARG A 171 -0.39 27.01 13.69
N GLU A 172 -0.25 25.68 13.40
CA GLU A 172 0.69 25.27 12.34
C GLU A 172 0.19 25.74 10.99
N ARG A 173 -1.11 25.61 10.73
CA ARG A 173 -1.69 26.09 9.48
C ARG A 173 -1.38 27.58 9.21
N GLU A 174 -1.42 28.43 10.26
CA GLU A 174 -1.14 29.87 10.15
C GLU A 174 0.27 30.14 9.70
N LEU A 175 1.21 29.32 10.18
CA LEU A 175 2.61 29.36 9.76
C LEU A 175 2.66 28.94 8.28
N HIS A 176 1.93 27.86 7.88
CA HIS A 176 1.92 27.38 6.49
C HIS A 176 1.38 28.45 5.56
N LYS A 177 0.36 29.20 6.02
CA LYS A 177 -0.25 30.31 5.28
C LYS A 177 0.78 31.44 5.07
N LEU A 178 1.75 31.54 5.99
CA LEU A 178 2.86 32.52 5.96
C LEU A 178 4.09 31.96 5.23
N GLY A 179 4.01 30.70 4.79
CA GLY A 179 5.09 30.04 4.07
C GLY A 179 6.18 29.53 4.98
N LYS A 180 5.79 29.09 6.19
CA LYS A 180 6.74 28.60 7.17
C LYS A 180 6.23 27.33 7.80
N CYS A 181 7.14 26.53 8.33
CA CYS A 181 6.77 25.28 8.96
C CYS A 181 7.54 25.25 10.25
N GLY A 182 6.87 24.92 11.33
CA GLY A 182 7.51 24.89 12.63
C GLY A 182 7.59 23.53 13.27
N SER A 183 6.72 22.59 12.84
CA SER A 183 6.67 21.28 13.46
C SER A 183 6.35 20.07 12.56
N CYS A 184 6.32 20.21 11.21
CA CYS A 184 5.95 19.05 10.36
C CYS A 184 7.09 18.13 10.00
N VAL A 185 7.11 17.00 10.67
CA VAL A 185 8.19 16.02 10.68
C VAL A 185 7.63 14.61 10.51
N TYR A 186 8.39 13.71 9.87
CA TYR A 186 8.02 12.29 9.83
C TYR A 186 9.12 11.41 10.45
N ASN A 187 8.80 10.17 10.81
CA ASN A 187 9.72 9.27 11.52
C ASN A 187 10.11 8.02 10.73
N MET A 188 11.31 7.48 11.03
CA MET A 188 11.87 6.29 10.40
C MET A 188 12.65 5.41 11.39
N MET A 189 12.75 4.09 11.08
CA MET A 189 13.51 3.12 11.90
C MET A 189 14.92 2.90 11.29
N GLY A 190 15.95 2.99 12.13
CA GLY A 190 17.34 2.83 11.73
C GLY A 190 17.71 1.43 11.25
N GLY A 200 11.01 -1.72 18.65
CA GLY A 200 11.09 -1.04 19.92
C GLY A 200 11.05 0.46 19.78
N LYS A 201 9.89 0.99 19.32
CA LYS A 201 9.65 2.43 19.09
C LYS A 201 9.79 3.26 20.38
N ALA A 202 10.47 4.39 20.25
CA ALA A 202 10.75 5.34 21.32
C ALA A 202 9.49 6.01 21.83
N LYS A 203 9.32 6.01 23.16
CA LYS A 203 8.19 6.66 23.82
C LYS A 203 8.54 8.14 23.91
N GLY A 204 7.66 8.97 23.37
CA GLY A 204 7.84 10.43 23.36
C GLY A 204 6.81 11.18 24.17
N SER A 205 6.75 12.50 23.94
CA SER A 205 5.81 13.39 24.60
C SER A 205 4.49 13.39 23.83
N ARG A 206 3.39 13.77 24.52
CA ARG A 206 2.05 13.95 23.94
C ARG A 206 2.18 15.07 22.90
N ALA A 207 2.98 16.12 23.26
CA ALA A 207 3.29 17.28 22.43
C ALA A 207 3.94 16.89 21.10
N ILE A 208 4.90 15.93 21.14
CA ILE A 208 5.63 15.40 19.97
C ILE A 208 4.65 14.61 19.07
N TRP A 209 3.83 13.73 19.67
CA TRP A 209 2.82 12.93 18.98
C TRP A 209 1.75 13.81 18.29
N TYR A 210 1.36 14.93 18.94
CA TYR A 210 0.38 15.91 18.43
C TYR A 210 0.96 16.65 17.23
N MET A 211 2.26 16.90 17.23
CA MET A 211 2.98 17.55 16.14
C MET A 211 2.99 16.62 14.93
N TRP A 212 3.17 15.30 15.18
CA TRP A 212 3.17 14.26 14.14
C TRP A 212 1.76 14.14 13.54
N LEU A 213 0.74 13.87 14.38
CA LEU A 213 -0.64 13.74 13.93
C LEU A 213 -1.19 15.01 13.25
N GLY A 214 -0.75 16.19 13.71
CA GLY A 214 -1.14 17.47 13.15
C GLY A 214 -0.54 17.63 11.77
N VAL A 215 0.73 17.16 11.61
CA VAL A 215 1.46 17.15 10.33
C VAL A 215 0.73 16.29 9.33
N ARG A 216 0.25 15.11 9.78
CA ARG A 216 -0.53 14.21 8.93
C ARG A 216 -1.90 14.81 8.60
N TYR A 217 -2.57 15.43 9.59
CA TYR A 217 -3.85 16.11 9.30
C TYR A 217 -3.67 17.22 8.25
N LEU A 218 -2.61 18.03 8.37
CA LEU A 218 -2.39 19.11 7.43
C LEU A 218 -2.12 18.64 6.00
N GLU A 219 -1.48 17.45 5.84
CA GLU A 219 -1.22 16.85 4.53
C GLU A 219 -2.54 16.36 4.02
N PHE A 220 -3.32 15.68 4.90
CA PHE A 220 -4.67 15.17 4.61
C PHE A 220 -5.60 16.29 4.15
N GLU A 221 -5.59 17.43 4.84
CA GLU A 221 -6.41 18.63 4.52
C GLU A 221 -6.12 19.13 3.09
N ALA A 222 -4.84 19.24 2.74
CA ALA A 222 -4.38 19.73 1.44
C ALA A 222 -4.38 18.73 0.28
N LEU A 223 -4.05 17.45 0.56
CA LEU A 223 -3.92 16.42 -0.48
C LEU A 223 -4.78 15.18 -0.37
N GLY A 224 -5.56 15.05 0.70
CA GLY A 224 -6.44 13.90 0.92
C GLY A 224 -7.55 13.73 -0.10
N PHE A 225 -7.92 14.80 -0.84
CA PHE A 225 -8.97 14.73 -1.89
C PHE A 225 -8.64 13.67 -2.93
N LEU A 226 -7.33 13.41 -3.16
CA LEU A 226 -6.88 12.41 -4.15
C LEU A 226 -7.43 11.03 -3.81
N ASN A 227 -7.38 10.65 -2.52
CA ASN A 227 -7.93 9.39 -2.07
C ASN A 227 -9.44 9.48 -1.74
N GLU A 228 -9.88 10.53 -0.98
CA GLU A 228 -11.29 10.75 -0.58
C GLU A 228 -12.24 10.91 -1.77
N ASP A 229 -11.80 11.62 -2.82
CA ASP A 229 -12.63 11.79 -4.01
C ASP A 229 -12.24 10.83 -5.13
N HIS A 230 -11.49 9.75 -4.81
CA HIS A 230 -11.17 8.66 -5.76
C HIS A 230 -10.65 9.15 -7.10
N TRP A 231 -9.60 10.02 -7.05
CA TRP A 231 -9.00 10.52 -8.28
C TRP A 231 -8.35 9.39 -9.09
N PHE A 232 -8.00 8.29 -8.41
CA PHE A 232 -7.34 7.15 -9.05
C PHE A 232 -8.21 5.90 -9.21
N SER A 233 -9.53 6.09 -9.12
CA SER A 233 -10.48 5.00 -9.39
C SER A 233 -10.24 4.63 -10.87
N ARG A 234 -10.65 3.42 -11.29
CA ARG A 234 -10.46 3.08 -12.70
C ARG A 234 -11.27 3.98 -13.63
N GLU A 235 -12.48 4.34 -13.21
CA GLU A 235 -13.36 5.19 -14.01
C GLU A 235 -12.72 6.56 -14.19
N ASN A 236 -12.17 7.13 -13.10
CA ASN A 236 -11.53 8.44 -13.25
C ASN A 236 -10.15 8.48 -13.94
N SER A 237 -9.25 7.53 -13.63
CA SER A 237 -7.87 7.56 -14.11
C SER A 237 -7.52 6.67 -15.27
N TYR A 238 -8.42 5.72 -15.66
CA TYR A 238 -8.24 4.70 -16.72
C TYR A 238 -7.28 3.60 -16.32
N SER A 239 -6.05 3.94 -15.87
CA SER A 239 -5.04 2.97 -15.41
C SER A 239 -5.20 2.56 -13.95
N GLY A 240 -5.77 3.46 -13.14
CA GLY A 240 -5.92 3.28 -11.69
C GLY A 240 -6.83 2.16 -11.27
N VAL A 241 -6.70 1.72 -10.01
CA VAL A 241 -7.51 0.65 -9.47
C VAL A 241 -7.96 0.99 -8.01
N GLU A 242 -7.74 2.24 -7.58
CA GLU A 242 -8.05 2.66 -6.21
C GLU A 242 -9.56 2.56 -6.00
N GLY A 243 -9.95 1.92 -4.90
CA GLY A 243 -11.35 1.70 -4.57
C GLY A 243 -11.93 0.43 -5.17
N GLU A 244 -11.24 -0.21 -6.16
CA GLU A 244 -11.74 -1.43 -6.83
C GLU A 244 -11.90 -2.60 -5.89
N GLY A 245 -10.86 -2.88 -5.11
CA GLY A 245 -10.88 -4.01 -4.20
C GLY A 245 -10.16 -5.18 -4.83
N LEU A 246 -9.55 -6.02 -4.00
CA LEU A 246 -8.80 -7.21 -4.43
C LEU A 246 -9.62 -8.16 -5.33
N HIS A 247 -10.95 -8.31 -5.04
CA HIS A 247 -11.87 -9.19 -5.77
C HIS A 247 -12.14 -8.76 -7.22
N LYS A 248 -11.81 -7.49 -7.56
CA LYS A 248 -12.02 -6.98 -8.93
C LYS A 248 -10.71 -6.94 -9.70
N LEU A 249 -9.57 -7.05 -9.01
CA LEU A 249 -8.26 -6.91 -9.67
C LEU A 249 -7.97 -7.89 -10.77
N GLY A 250 -8.37 -9.14 -10.59
CA GLY A 250 -8.18 -10.21 -11.59
C GLY A 250 -8.98 -9.93 -12.84
N TYR A 251 -10.25 -9.52 -12.65
CA TYR A 251 -11.16 -9.15 -13.73
C TYR A 251 -10.62 -8.00 -14.54
N ILE A 252 -10.03 -7.01 -13.88
CA ILE A 252 -9.39 -5.85 -14.56
C ILE A 252 -8.22 -6.39 -15.45
N LEU A 253 -7.37 -7.27 -14.89
CA LEU A 253 -6.24 -7.88 -15.65
C LEU A 253 -6.77 -8.71 -16.83
N ARG A 254 -7.88 -9.47 -16.62
CA ARG A 254 -8.49 -10.24 -17.70
C ARG A 254 -9.06 -9.32 -18.77
N ASP A 255 -9.66 -8.17 -18.39
CA ASP A 255 -10.15 -7.20 -19.36
C ASP A 255 -8.99 -6.54 -20.14
N ILE A 256 -7.87 -6.18 -19.47
CA ILE A 256 -6.66 -5.69 -20.17
C ILE A 256 -6.18 -6.76 -21.20
N SER A 257 -6.17 -8.07 -20.82
CA SER A 257 -5.77 -9.17 -21.74
C SER A 257 -6.53 -9.19 -23.09
N LYS A 258 -7.76 -8.72 -23.13
CA LYS A 258 -8.63 -8.66 -24.31
C LYS A 258 -8.19 -7.57 -25.29
N ILE A 259 -7.43 -6.58 -24.81
CA ILE A 259 -6.96 -5.47 -25.67
C ILE A 259 -5.86 -5.98 -26.61
N PRO A 260 -5.95 -5.74 -27.94
CA PRO A 260 -4.88 -6.21 -28.85
C PRO A 260 -3.58 -5.47 -28.55
N GLY A 261 -2.50 -6.23 -28.61
CA GLY A 261 -1.14 -5.73 -28.37
C GLY A 261 -0.17 -6.84 -28.03
N GLY A 262 0.95 -6.47 -27.43
CA GLY A 262 1.99 -7.40 -27.05
C GLY A 262 1.70 -8.10 -25.76
N ALA A 263 2.74 -8.65 -25.13
CA ALA A 263 2.66 -9.32 -23.85
C ALA A 263 2.22 -8.30 -22.78
N MET A 264 1.91 -8.80 -21.58
CA MET A 264 1.59 -7.98 -20.44
C MET A 264 2.89 -7.94 -19.61
N TYR A 265 3.38 -6.72 -19.35
CA TYR A 265 4.62 -6.50 -18.59
C TYR A 265 4.30 -6.00 -17.20
N ALA A 266 5.02 -6.44 -16.20
CA ALA A 266 4.76 -5.99 -14.83
C ALA A 266 6.11 -5.88 -14.16
N ASP A 267 6.90 -4.88 -14.55
CA ASP A 267 8.22 -4.69 -13.97
C ASP A 267 8.21 -4.00 -12.62
N ASP A 268 9.03 -4.52 -11.72
CA ASP A 268 9.24 -4.05 -10.36
C ASP A 268 10.38 -3.05 -10.37
N THR A 269 10.18 -1.88 -9.74
CA THR A 269 11.20 -0.85 -9.59
C THR A 269 11.90 -1.15 -8.26
N ALA A 270 13.24 -1.10 -8.25
CA ALA A 270 14.04 -1.26 -7.04
C ALA A 270 13.84 0.02 -6.17
N GLY A 271 13.20 -0.12 -5.00
CA GLY A 271 12.95 0.98 -4.08
C GLY A 271 12.42 2.25 -4.72
N TRP A 272 11.21 2.17 -5.31
CA TRP A 272 10.49 3.26 -5.97
C TRP A 272 10.61 4.60 -5.25
N ASP A 273 10.31 4.61 -3.92
CA ASP A 273 10.29 5.87 -3.15
C ASP A 273 11.62 6.64 -3.16
N THR A 274 12.74 5.90 -3.20
CA THR A 274 14.09 6.48 -3.28
C THR A 274 14.40 7.01 -4.68
N ARG A 275 13.60 6.64 -5.67
CA ARG A 275 13.81 7.03 -7.06
C ARG A 275 12.96 8.18 -7.48
N ILE A 276 12.16 8.73 -6.54
CA ILE A 276 11.37 9.93 -6.82
C ILE A 276 12.32 11.13 -6.86
N THR A 277 12.46 11.75 -8.03
CA THR A 277 13.37 12.86 -8.27
C THR A 277 12.74 14.21 -7.98
N GLU A 278 13.58 15.28 -7.95
CA GLU A 278 13.13 16.65 -7.76
C GLU A 278 12.24 16.99 -8.96
N ASP A 279 12.54 16.39 -10.12
CA ASP A 279 11.71 16.56 -11.32
C ASP A 279 10.32 15.94 -11.15
N ASP A 280 10.25 14.70 -10.61
CA ASP A 280 8.97 14.05 -10.30
C ASP A 280 8.17 14.90 -9.32
N LEU A 281 8.81 15.37 -8.23
CA LEU A 281 8.14 16.23 -7.22
C LEU A 281 7.56 17.51 -7.83
N HIS A 282 8.29 18.15 -8.74
CA HIS A 282 7.82 19.35 -9.40
C HIS A 282 6.67 19.08 -10.36
N ASN A 283 6.63 17.85 -10.90
CA ASN A 283 5.57 17.43 -11.82
C ASN A 283 4.28 17.12 -11.06
N GLU A 284 4.42 16.47 -9.88
CA GLU A 284 3.30 16.10 -9.04
C GLU A 284 2.62 17.39 -8.54
N GLU A 285 3.41 18.44 -8.26
CA GLU A 285 2.98 19.78 -7.79
C GLU A 285 1.99 20.49 -8.71
N LYS A 286 2.04 20.26 -10.02
CA LYS A 286 1.14 20.87 -11.03
C LYS A 286 -0.35 20.77 -10.71
N ILE A 287 -0.78 19.84 -9.85
CA ILE A 287 -2.17 19.70 -9.42
C ILE A 287 -2.65 21.01 -8.73
N ILE A 288 -1.72 21.77 -8.08
CA ILE A 288 -2.08 23.05 -7.41
C ILE A 288 -2.75 24.05 -8.36
N GLN A 289 -2.47 23.95 -9.68
CA GLN A 289 -3.02 24.83 -10.70
C GLN A 289 -4.53 24.69 -10.85
N GLN A 290 -5.11 23.57 -10.42
CA GLN A 290 -6.55 23.31 -10.50
C GLN A 290 -7.28 23.66 -9.21
N MET A 291 -6.52 24.12 -8.19
CA MET A 291 -7.11 24.41 -6.90
C MET A 291 -7.63 25.84 -6.76
N ASP A 292 -8.58 26.04 -5.82
CA ASP A 292 -9.13 27.35 -5.43
C ASP A 292 -8.01 28.06 -4.63
N PRO A 293 -7.94 29.43 -4.56
CA PRO A 293 -6.81 30.09 -3.88
C PRO A 293 -6.45 29.68 -2.43
N GLU A 294 -7.46 29.46 -1.57
CA GLU A 294 -7.21 29.06 -0.16
C GLU A 294 -6.68 27.62 -0.11
N HIS A 295 -7.12 26.76 -1.05
CA HIS A 295 -6.66 25.37 -1.13
C HIS A 295 -5.24 25.36 -1.72
N ARG A 296 -5.04 26.04 -2.86
CA ARG A 296 -3.76 26.20 -3.55
C ARG A 296 -2.64 26.63 -2.60
N GLN A 297 -2.93 27.59 -1.70
CA GLN A 297 -2.02 28.14 -0.71
C GLN A 297 -1.55 27.09 0.30
N LEU A 298 -2.48 26.28 0.82
CA LEU A 298 -2.15 25.22 1.80
C LEU A 298 -1.48 24.01 1.18
N ALA A 299 -1.82 23.69 -0.08
CA ALA A 299 -1.19 22.54 -0.77
C ALA A 299 0.20 22.95 -1.18
N ASN A 300 0.34 24.19 -1.66
CA ASN A 300 1.63 24.72 -2.03
C ASN A 300 2.60 24.67 -0.87
N ALA A 301 2.10 24.94 0.37
CA ALA A 301 2.88 24.87 1.58
C ALA A 301 3.27 23.42 1.88
N ILE A 302 2.35 22.44 1.72
CA ILE A 302 2.72 21.02 1.93
C ILE A 302 3.85 20.57 0.92
N PHE A 303 3.70 20.93 -0.37
CA PHE A 303 4.64 20.57 -1.44
C PHE A 303 6.02 21.18 -1.22
N LYS A 304 6.10 22.51 -1.12
CA LYS A 304 7.32 23.30 -0.97
C LYS A 304 8.02 23.17 0.36
N LEU A 305 7.27 23.06 1.46
CA LEU A 305 7.85 23.03 2.80
C LEU A 305 8.10 21.68 3.40
N THR A 306 7.30 20.68 3.03
CA THR A 306 7.41 19.35 3.61
C THR A 306 7.73 18.23 2.60
N TYR A 307 7.17 18.27 1.38
CA TYR A 307 7.44 17.21 0.40
C TYR A 307 8.83 17.40 -0.27
N GLN A 308 9.16 18.65 -0.56
CA GLN A 308 10.40 19.08 -1.21
C GLN A 308 11.49 19.51 -0.23
N ASN A 309 11.20 19.46 1.09
CA ASN A 309 12.12 19.83 2.17
C ASN A 309 11.77 19.03 3.41
N LYS A 310 12.03 17.73 3.36
CA LYS A 310 11.72 16.80 4.44
C LYS A 310 12.65 16.94 5.65
N VAL A 311 12.10 16.79 6.86
CA VAL A 311 12.85 16.76 8.12
C VAL A 311 12.45 15.44 8.73
N VAL A 312 13.43 14.57 8.99
CA VAL A 312 13.15 13.21 9.45
C VAL A 312 13.87 12.92 10.76
N LYS A 313 13.22 12.14 11.62
CA LYS A 313 13.70 11.68 12.92
C LYS A 313 13.97 10.20 12.71
N VAL A 314 15.23 9.76 12.88
CA VAL A 314 15.61 8.35 12.68
C VAL A 314 16.13 7.79 13.99
N GLN A 315 15.46 6.75 14.48
CA GLN A 315 15.81 6.10 15.73
C GLN A 315 16.99 5.14 15.49
N ARG A 316 18.19 5.55 15.96
CA ARG A 316 19.43 4.82 15.78
C ARG A 316 20.04 4.28 17.08
N PRO A 317 20.31 2.95 17.16
CA PRO A 317 21.02 2.43 18.34
C PRO A 317 22.51 2.79 18.29
N THR A 318 23.10 3.07 19.45
CA THR A 318 24.52 3.42 19.63
C THR A 318 25.11 2.50 20.74
N PRO A 319 26.47 2.45 20.98
CA PRO A 319 26.98 1.57 22.05
C PRO A 319 26.46 1.89 23.46
N THR A 320 26.25 3.19 23.78
CA THR A 320 25.74 3.65 25.09
C THR A 320 24.22 3.42 25.25
N GLY A 321 23.43 3.84 24.24
CA GLY A 321 21.98 3.68 24.24
C GLY A 321 21.35 3.93 22.88
N THR A 322 20.11 4.42 22.87
CA THR A 322 19.40 4.74 21.62
C THR A 322 19.34 6.25 21.43
N VAL A 323 19.61 6.71 20.20
CA VAL A 323 19.57 8.13 19.84
C VAL A 323 18.55 8.37 18.71
N MET A 324 18.14 9.64 18.52
CA MET A 324 17.25 10.06 17.45
C MET A 324 18.02 11.03 16.57
N ASP A 325 18.19 10.70 15.28
CA ASP A 325 18.93 11.58 14.38
C ASP A 325 17.96 12.49 13.67
N ILE A 326 18.39 13.73 13.44
CA ILE A 326 17.57 14.72 12.73
C ILE A 326 18.25 14.95 11.39
N ILE A 327 17.64 14.37 10.36
CA ILE A 327 18.16 14.41 9.00
C ILE A 327 17.21 15.13 8.08
N SER A 328 17.69 15.52 6.90
CA SER A 328 16.88 16.26 5.95
C SER A 328 17.34 16.00 4.51
N ARG A 329 16.43 16.18 3.53
CA ARG A 329 16.72 16.08 2.10
C ARG A 329 15.62 16.67 1.22
N LYS A 330 15.98 17.04 0.00
CA LYS A 330 15.08 17.67 -0.96
C LYS A 330 14.30 16.70 -1.87
N ASP A 331 14.96 15.70 -2.47
CA ASP A 331 14.25 14.75 -3.33
C ASP A 331 13.80 13.51 -2.55
N GLN A 332 13.35 12.47 -3.27
CA GLN A 332 12.77 11.23 -2.74
C GLN A 332 11.36 11.50 -2.27
N ARG A 333 10.61 10.42 -2.11
CA ARG A 333 9.26 10.46 -1.65
C ARG A 333 9.31 10.27 -0.17
N GLY A 334 8.60 11.14 0.53
CA GLY A 334 8.42 11.02 1.97
C GLY A 334 7.41 9.92 2.15
N SER A 335 7.90 8.69 2.36
CA SER A 335 7.08 7.47 2.50
C SER A 335 6.08 7.50 3.65
N GLY A 336 6.36 8.33 4.66
CA GLY A 336 5.53 8.45 5.85
C GLY A 336 4.38 9.43 5.72
N GLN A 337 4.51 10.36 4.75
CA GLN A 337 3.63 11.47 4.45
C GLN A 337 2.36 11.05 3.69
N VAL A 338 1.18 11.63 4.06
CA VAL A 338 -0.14 11.40 3.41
C VAL A 338 -0.03 11.87 1.93
N GLY A 339 -0.67 11.15 1.00
CA GLY A 339 -0.66 11.51 -0.41
C GLY A 339 0.32 10.69 -1.24
N THR A 340 1.13 9.89 -0.57
CA THR A 340 2.19 9.03 -1.16
C THR A 340 1.59 8.08 -2.19
N TYR A 341 0.51 7.35 -1.85
CA TYR A 341 -0.15 6.42 -2.77
C TYR A 341 -0.53 7.04 -4.10
N GLY A 342 -1.27 8.15 -4.02
CA GLY A 342 -1.81 8.88 -5.15
C GLY A 342 -0.71 9.46 -6.01
N LEU A 343 0.28 10.09 -5.36
CA LEU A 343 1.36 10.71 -6.10
C LEU A 343 2.27 9.67 -6.70
N ASN A 344 2.46 8.53 -6.00
CA ASN A 344 3.19 7.40 -6.60
C ASN A 344 2.45 6.87 -7.82
N THR A 345 1.09 6.73 -7.72
CA THR A 345 0.25 6.22 -8.81
C THR A 345 0.36 7.15 -9.98
N PHE A 346 0.24 8.47 -9.72
CA PHE A 346 0.35 9.52 -10.76
C PHE A 346 1.70 9.37 -11.51
N THR A 347 2.81 9.43 -10.78
CA THR A 347 4.17 9.32 -11.34
C THR A 347 4.42 8.03 -12.14
N ASN A 348 3.93 6.89 -11.63
CA ASN A 348 4.03 5.61 -12.34
C ASN A 348 3.23 5.59 -13.64
N MET A 349 2.01 6.13 -13.63
CA MET A 349 1.16 6.26 -14.83
C MET A 349 1.90 7.10 -15.85
N GLU A 350 2.50 8.17 -15.38
CA GLU A 350 3.29 9.06 -16.23
C GLU A 350 4.51 8.32 -16.80
N ALA A 351 5.27 7.62 -15.94
CA ALA A 351 6.51 6.95 -16.40
C ALA A 351 6.20 5.83 -17.44
N GLN A 352 5.05 5.16 -17.25
CA GLN A 352 4.61 4.08 -18.15
C GLN A 352 4.14 4.59 -19.49
N LEU A 353 3.53 5.78 -19.54
CA LEU A 353 3.12 6.40 -20.80
C LEU A 353 4.36 6.77 -21.61
N VAL A 354 5.39 7.27 -20.91
CA VAL A 354 6.68 7.65 -21.50
C VAL A 354 7.35 6.42 -22.09
N ARG A 355 7.37 5.30 -21.35
CA ARG A 355 7.96 4.03 -21.84
C ARG A 355 7.18 3.53 -23.04
N GLN A 356 5.83 3.62 -22.97
CA GLN A 356 4.99 3.25 -24.12
C GLN A 356 5.37 4.06 -25.35
N MET A 357 5.51 5.38 -25.22
CA MET A 357 5.95 6.27 -26.31
C MET A 357 7.29 5.85 -26.90
N GLU A 358 8.28 5.49 -26.05
CA GLU A 358 9.59 5.07 -26.52
C GLU A 358 9.43 3.75 -27.34
N GLY A 359 8.61 2.84 -26.82
CA GLY A 359 8.33 1.56 -27.46
C GLY A 359 7.80 1.77 -28.86
N GLU A 360 6.94 2.79 -29.05
CA GLU A 360 6.31 3.17 -30.31
C GLU A 360 7.16 3.99 -31.26
N GLY A 361 8.38 4.29 -30.83
CA GLY A 361 9.33 5.04 -31.64
C GLY A 361 9.10 6.54 -31.58
N VAL A 362 8.22 6.99 -30.71
CA VAL A 362 7.95 8.42 -30.52
C VAL A 362 9.17 9.08 -29.86
N LEU A 363 9.82 8.38 -28.92
CA LEU A 363 10.99 8.92 -28.25
C LEU A 363 12.23 8.10 -28.56
N THR A 364 13.27 8.79 -29.04
CA THR A 364 14.59 8.22 -29.37
C THR A 364 15.62 8.64 -28.30
N LYS A 365 16.81 8.06 -28.36
CA LYS A 365 17.92 8.42 -27.46
C LYS A 365 18.25 9.93 -27.65
N ALA A 366 18.21 10.41 -28.91
CA ALA A 366 18.50 11.81 -29.26
C ALA A 366 17.44 12.75 -28.73
N ASP A 367 16.16 12.32 -28.62
CA ASP A 367 15.11 13.17 -28.03
C ASP A 367 15.34 13.36 -26.54
N LEU A 368 15.71 12.26 -25.82
CA LEU A 368 15.94 12.30 -24.38
C LEU A 368 17.13 13.15 -24.00
N GLU A 369 18.13 13.20 -24.87
CA GLU A 369 19.33 13.99 -24.59
C GLU A 369 19.17 15.47 -24.90
N ASN A 370 18.22 15.80 -25.81
CA ASN A 370 17.94 17.13 -26.37
C ASN A 370 17.36 18.16 -25.42
N PRO A 371 18.08 19.27 -25.15
CA PRO A 371 17.52 20.35 -24.30
C PRO A 371 16.48 21.23 -25.00
N HIS A 372 16.32 21.09 -26.32
CA HIS A 372 15.38 21.85 -27.16
C HIS A 372 14.44 20.91 -27.90
N LEU A 373 14.04 19.83 -27.22
CA LEU A 373 13.11 18.83 -27.70
C LEU A 373 11.79 19.48 -28.02
N LEU A 374 11.28 19.29 -29.25
CA LEU A 374 10.01 19.83 -29.69
C LEU A 374 8.86 19.01 -29.12
N GLU A 375 7.83 19.72 -28.64
CA GLU A 375 6.63 19.17 -28.04
C GLU A 375 5.65 18.52 -29.00
N LYS A 376 5.42 19.12 -30.20
CA LYS A 376 4.43 18.68 -31.21
C LYS A 376 4.06 17.18 -31.18
N LYS A 377 5.02 16.30 -31.46
CA LYS A 377 4.81 14.84 -31.50
C LYS A 377 4.41 14.20 -30.19
N ILE A 378 4.92 14.71 -29.03
CA ILE A 378 4.60 14.18 -27.70
C ILE A 378 3.13 14.52 -27.41
N THR A 379 2.77 15.80 -27.62
CA THR A 379 1.41 16.34 -27.47
C THR A 379 0.44 15.60 -28.44
N GLN A 380 0.85 15.42 -29.69
CA GLN A 380 0.03 14.73 -30.71
C GLN A 380 -0.32 13.29 -30.23
N TRP A 381 0.68 12.54 -29.76
CA TRP A 381 0.52 11.18 -29.23
C TRP A 381 -0.38 11.16 -28.00
N LEU A 382 -0.21 12.13 -27.10
CA LEU A 382 -1.02 12.18 -25.89
C LEU A 382 -2.50 12.47 -26.20
N GLU A 383 -2.75 13.47 -27.08
CA GLU A 383 -4.09 13.88 -27.49
CA GLU A 383 -4.10 13.83 -27.44
C GLU A 383 -4.82 12.81 -28.30
N THR A 384 -4.09 12.06 -29.11
CA THR A 384 -4.69 11.03 -29.96
C THR A 384 -4.70 9.62 -29.39
N LYS A 385 -3.67 9.23 -28.64
CA LYS A 385 -3.54 7.86 -28.12
C LYS A 385 -3.52 7.68 -26.61
N GLY A 386 -3.25 8.76 -25.87
CA GLY A 386 -3.09 8.80 -24.43
C GLY A 386 -4.09 8.04 -23.58
N VAL A 387 -5.39 8.32 -23.75
CA VAL A 387 -6.42 7.63 -22.95
C VAL A 387 -6.47 6.13 -23.30
N GLU A 388 -6.28 5.77 -24.58
CA GLU A 388 -6.29 4.38 -25.01
C GLU A 388 -5.10 3.66 -24.35
N ARG A 389 -3.94 4.34 -24.35
CA ARG A 389 -2.71 3.82 -23.75
C ARG A 389 -2.82 3.68 -22.23
N LEU A 390 -3.59 4.56 -21.57
CA LEU A 390 -3.81 4.43 -20.10
C LEU A 390 -4.69 3.23 -19.78
N LYS A 391 -5.61 2.90 -20.69
CA LYS A 391 -6.57 1.79 -20.53
C LYS A 391 -5.87 0.41 -20.62
N ARG A 392 -4.62 0.38 -21.09
CA ARG A 392 -3.80 -0.82 -21.25
C ARG A 392 -3.04 -1.09 -19.99
N MET A 393 -3.30 -0.31 -18.94
CA MET A 393 -2.53 -0.47 -17.68
C MET A 393 -3.33 -0.65 -16.45
N ALA A 394 -2.74 -1.28 -15.45
CA ALA A 394 -3.33 -1.42 -14.12
C ALA A 394 -2.20 -0.89 -13.23
N ILE A 395 -2.42 0.28 -12.62
CA ILE A 395 -1.36 0.93 -11.86
C ILE A 395 -1.78 1.22 -10.45
N SER A 396 -1.02 0.72 -9.47
CA SER A 396 -1.31 0.94 -8.05
C SER A 396 -0.01 1.29 -7.35
N GLY A 397 0.21 2.57 -7.14
CA GLY A 397 1.45 3.08 -6.56
C GLY A 397 2.62 2.70 -7.46
N ASP A 398 3.65 2.06 -6.91
CA ASP A 398 4.81 1.60 -7.72
C ASP A 398 4.53 0.30 -8.52
N ASP A 399 3.36 -0.31 -8.33
CA ASP A 399 2.95 -1.56 -8.97
C ASP A 399 2.26 -1.29 -10.31
N CYS A 400 2.75 -1.89 -11.38
CA CYS A 400 2.19 -1.65 -12.71
C CYS A 400 2.11 -2.86 -13.57
N VAL A 401 1.08 -2.91 -14.41
CA VAL A 401 0.88 -3.94 -15.43
C VAL A 401 0.61 -3.11 -16.67
N VAL A 402 1.33 -3.37 -17.75
CA VAL A 402 1.13 -2.61 -18.98
C VAL A 402 0.99 -3.65 -20.11
N LYS A 403 0.04 -3.46 -21.03
CA LYS A 403 -0.08 -4.25 -22.26
C LYS A 403 0.13 -3.30 -23.42
N PRO A 404 1.40 -3.13 -23.86
CA PRO A 404 1.68 -2.19 -24.96
C PRO A 404 1.11 -2.66 -26.28
N ILE A 405 1.12 -1.77 -27.29
CA ILE A 405 0.63 -2.11 -28.63
C ILE A 405 1.41 -3.26 -29.31
N ASP A 406 2.69 -3.48 -28.92
CA ASP A 406 3.55 -4.57 -29.43
C ASP A 406 4.70 -4.81 -28.46
N ASP A 407 5.66 -5.68 -28.79
CA ASP A 407 6.73 -5.99 -27.85
C ASP A 407 8.00 -5.14 -27.93
N ARG A 408 8.00 -4.03 -28.72
CA ARG A 408 9.18 -3.12 -28.74
C ARG A 408 9.43 -2.54 -27.34
N PHE A 409 8.35 -2.45 -26.53
CA PHE A 409 8.30 -2.01 -25.12
C PHE A 409 9.30 -2.77 -24.24
N ALA A 410 9.42 -4.10 -24.45
CA ALA A 410 10.32 -4.99 -23.70
C ALA A 410 11.76 -4.42 -23.67
N ASN A 411 12.16 -3.79 -24.78
CA ASN A 411 13.51 -3.26 -24.91
C ASN A 411 13.57 -1.72 -24.92
N ALA A 412 12.46 -1.04 -24.62
CA ALA A 412 12.35 0.41 -24.56
C ALA A 412 12.71 0.76 -23.12
N LEU A 413 14.01 0.92 -22.85
CA LEU A 413 14.51 1.12 -21.47
C LEU A 413 15.24 2.43 -21.22
N LEU A 414 15.47 3.21 -22.29
CA LEU A 414 16.22 4.46 -22.22
C LEU A 414 15.55 5.46 -21.30
N ALA A 415 14.24 5.72 -21.49
CA ALA A 415 13.56 6.70 -20.63
C ALA A 415 13.32 6.15 -19.23
N LEU A 416 12.97 4.88 -19.11
CA LEU A 416 12.69 4.25 -17.81
C LEU A 416 13.88 4.36 -16.90
N ASN A 417 15.07 3.97 -17.38
CA ASN A 417 16.28 4.06 -16.56
C ASN A 417 16.61 5.51 -16.34
N ASP A 418 16.49 6.37 -17.38
CA ASP A 418 16.82 7.78 -17.27
C ASP A 418 15.96 8.56 -16.25
N MET A 419 14.67 8.17 -16.08
CA MET A 419 13.78 8.79 -15.12
C MET A 419 14.11 8.36 -13.72
N GLY A 420 14.94 7.33 -13.60
CA GLY A 420 15.42 6.79 -12.34
C GLY A 420 14.70 5.56 -11.90
N LYS A 421 13.73 5.10 -12.70
CA LYS A 421 12.91 3.96 -12.35
C LYS A 421 13.53 2.63 -12.79
N VAL A 422 14.74 2.39 -12.26
CA VAL A 422 15.56 1.21 -12.55
C VAL A 422 14.87 -0.06 -12.02
N ARG A 423 14.63 -1.03 -12.90
CA ARG A 423 13.95 -2.28 -12.56
C ARG A 423 14.75 -3.10 -11.54
N LYS A 424 14.05 -3.80 -10.66
CA LYS A 424 14.68 -4.60 -9.62
C LYS A 424 15.26 -5.90 -10.17
N ASP A 425 16.49 -6.26 -9.70
CA ASP A 425 17.21 -7.52 -9.94
C ASP A 425 17.30 -7.95 -11.43
N ILE A 426 17.76 -7.05 -12.27
CA ILE A 426 17.94 -7.28 -13.71
C ILE A 426 18.97 -6.24 -14.20
N PRO A 427 19.94 -6.60 -15.08
CA PRO A 427 20.87 -5.59 -15.56
C PRO A 427 20.05 -4.54 -16.28
N GLN A 428 20.45 -3.26 -16.18
CA GLN A 428 19.72 -2.14 -16.76
C GLN A 428 19.27 -2.31 -18.19
N TRP A 429 20.12 -2.92 -19.03
CA TRP A 429 19.84 -2.98 -20.47
C TRP A 429 19.30 -4.29 -20.99
N GLN A 430 19.07 -5.25 -20.08
CA GLN A 430 18.44 -6.52 -20.38
C GLN A 430 16.93 -6.35 -20.62
N PRO A 431 16.40 -6.84 -21.78
CA PRO A 431 14.96 -6.65 -22.07
C PRO A 431 14.04 -7.20 -20.99
N SER A 432 12.88 -6.55 -20.80
CA SER A 432 11.89 -7.03 -19.84
C SER A 432 11.29 -8.30 -20.38
N LYS A 433 10.91 -9.18 -19.49
CA LYS A 433 10.18 -10.38 -19.83
C LYS A 433 8.72 -10.14 -19.42
N GLY A 434 7.82 -10.29 -20.38
CA GLY A 434 6.40 -10.18 -20.17
C GLY A 434 5.71 -11.54 -20.22
N TRP A 435 4.41 -11.54 -19.99
CA TRP A 435 3.58 -12.74 -19.98
C TRP A 435 2.54 -12.66 -21.04
N HIS A 436 2.29 -13.81 -21.68
CA HIS A 436 1.24 -13.93 -22.67
C HIS A 436 -0.06 -14.48 -22.07
N ASP A 437 -0.05 -14.79 -20.75
CA ASP A 437 -1.24 -15.25 -20.04
C ASP A 437 -1.45 -14.30 -18.86
N TRP A 438 -2.57 -13.55 -18.80
CA TRP A 438 -2.86 -12.60 -17.68
C TRP A 438 -2.82 -13.27 -16.30
N GLN A 439 -3.08 -14.60 -16.27
CA GLN A 439 -3.09 -15.41 -15.04
C GLN A 439 -1.70 -15.59 -14.48
N GLN A 440 -0.65 -15.34 -15.29
CA GLN A 440 0.72 -15.49 -14.80
C GLN A 440 1.26 -14.15 -14.31
N VAL A 441 0.53 -13.09 -14.60
CA VAL A 441 0.96 -11.74 -14.25
C VAL A 441 0.90 -11.43 -12.73
N PRO A 442 2.03 -11.06 -12.10
CA PRO A 442 1.95 -10.63 -10.69
C PRO A 442 1.48 -9.17 -10.58
N PHE A 443 0.55 -8.91 -9.65
CA PHE A 443 0.03 -7.57 -9.39
C PHE A 443 -0.50 -7.52 -7.97
N CYS A 444 -0.10 -6.47 -7.21
CA CYS A 444 -0.53 -6.22 -5.84
C CYS A 444 -0.36 -7.45 -4.94
N SER A 445 0.82 -8.10 -5.05
CA SER A 445 1.28 -9.26 -4.28
C SER A 445 0.50 -10.52 -4.57
N HIS A 446 -0.25 -10.50 -5.69
CA HIS A 446 -1.07 -11.62 -6.08
C HIS A 446 -0.92 -11.97 -7.55
N HIS A 447 -1.45 -13.13 -7.91
CA HIS A 447 -1.71 -13.60 -9.24
C HIS A 447 -3.22 -13.97 -9.16
N PHE A 448 -3.87 -14.09 -10.32
CA PHE A 448 -5.31 -14.30 -10.36
C PHE A 448 -5.64 -15.47 -11.30
N HIS A 449 -6.59 -16.31 -10.91
CA HIS A 449 -7.04 -17.47 -11.66
C HIS A 449 -8.49 -17.36 -12.05
N GLU A 450 -8.82 -17.94 -13.19
CA GLU A 450 -10.19 -18.05 -13.65
C GLU A 450 -10.68 -19.45 -13.23
N LEU A 451 -11.73 -19.56 -12.38
CA LEU A 451 -12.33 -20.82 -11.92
C LEU A 451 -13.65 -21.03 -12.60
N ILE A 452 -13.95 -22.26 -13.02
CA ILE A 452 -15.24 -22.63 -13.60
C ILE A 452 -16.09 -23.20 -12.44
N MET A 453 -17.29 -22.68 -12.25
CA MET A 453 -18.16 -23.22 -11.21
C MET A 453 -18.90 -24.46 -11.77
N LYS A 454 -19.41 -25.36 -10.89
CA LYS A 454 -20.19 -26.55 -11.28
C LYS A 454 -21.36 -26.20 -12.21
N ASP A 455 -21.89 -24.95 -12.11
CA ASP A 455 -22.98 -24.49 -12.96
C ASP A 455 -22.53 -23.85 -14.28
N GLY A 456 -21.20 -23.83 -14.53
CA GLY A 456 -20.59 -23.26 -15.73
C GLY A 456 -20.27 -21.77 -15.68
N ARG A 457 -20.61 -21.09 -14.56
CA ARG A 457 -20.26 -19.67 -14.46
C ARG A 457 -18.78 -19.56 -14.10
N LYS A 458 -18.13 -18.50 -14.55
CA LYS A 458 -16.70 -18.28 -14.29
C LYS A 458 -16.44 -17.22 -13.22
N LEU A 459 -15.46 -17.47 -12.37
CA LEU A 459 -15.01 -16.52 -11.35
C LEU A 459 -13.55 -16.21 -11.64
N VAL A 460 -13.08 -15.00 -11.30
CA VAL A 460 -11.68 -14.61 -11.39
C VAL A 460 -11.27 -14.29 -9.96
N VAL A 461 -10.43 -15.14 -9.39
CA VAL A 461 -10.05 -15.06 -7.98
C VAL A 461 -8.62 -14.60 -7.68
N PRO A 462 -8.37 -13.95 -6.53
CA PRO A 462 -6.99 -13.58 -6.18
C PRO A 462 -6.29 -14.78 -5.56
N CYS A 463 -4.99 -14.86 -5.74
CA CYS A 463 -4.21 -15.94 -5.17
C CYS A 463 -2.77 -15.51 -4.85
N ARG A 464 -2.19 -16.09 -3.83
CA ARG A 464 -0.79 -15.85 -3.48
C ARG A 464 -0.19 -17.12 -2.82
N PRO A 465 1.15 -17.28 -2.68
CA PRO A 465 1.68 -18.48 -2.00
C PRO A 465 1.03 -18.63 -0.64
N GLN A 466 0.49 -19.83 -0.36
CA GLN A 466 -0.26 -20.16 0.84
C GLN A 466 0.51 -19.95 2.15
N ASP A 467 1.83 -20.28 2.16
CA ASP A 467 2.73 -20.08 3.30
C ASP A 467 2.73 -18.61 3.79
N GLU A 468 2.59 -17.66 2.84
CA GLU A 468 2.52 -16.23 3.12
C GLU A 468 1.21 -15.86 3.88
N LEU A 469 0.09 -16.47 3.49
CA LEU A 469 -1.21 -16.20 4.14
C LEU A 469 -1.29 -16.77 5.54
N ILE A 470 -0.83 -18.04 5.71
CA ILE A 470 -0.79 -18.74 7.01
C ILE A 470 0.22 -18.04 7.92
N GLY A 471 1.39 -17.68 7.40
CA GLY A 471 2.44 -16.99 8.13
C GLY A 471 1.96 -15.65 8.68
N ARG A 472 1.19 -14.91 7.86
CA ARG A 472 0.58 -13.66 8.27
C ARG A 472 -0.49 -13.87 9.37
N ALA A 473 -1.41 -14.85 9.16
CA ALA A 473 -2.49 -15.21 10.10
C ALA A 473 -1.96 -15.63 11.46
N ARG A 474 -0.72 -16.18 11.51
CA ARG A 474 -0.12 -16.63 12.76
C ARG A 474 0.50 -15.50 13.60
N ILE A 475 0.56 -14.28 13.05
CA ILE A 475 1.11 -13.12 13.74
C ILE A 475 0.00 -12.29 14.40
N SER A 476 0.14 -12.03 15.70
CA SER A 476 -0.77 -11.17 16.45
C SER A 476 -0.07 -9.80 16.55
N GLN A 477 -0.82 -8.72 16.34
CA GLN A 477 -0.25 -7.38 16.39
C GLN A 477 -0.07 -6.82 17.78
N GLY A 478 1.16 -6.98 18.30
CA GLY A 478 1.57 -6.54 19.63
C GLY A 478 1.54 -7.64 20.67
N ALA A 479 1.54 -7.27 21.97
CA ALA A 479 1.52 -8.22 23.09
C ALA A 479 0.50 -7.83 24.17
N GLY A 480 0.28 -8.74 25.13
CA GLY A 480 -0.66 -8.55 26.22
C GLY A 480 -2.10 -8.77 25.82
N TRP A 481 -2.31 -9.37 24.64
CA TRP A 481 -3.62 -9.67 24.05
C TRP A 481 -4.22 -10.92 24.68
N SER A 482 -5.42 -10.79 25.24
CA SER A 482 -6.16 -11.90 25.86
C SER A 482 -6.58 -12.94 24.81
N LEU A 483 -6.84 -14.19 25.23
CA LEU A 483 -7.30 -15.27 24.36
C LEU A 483 -8.50 -14.81 23.51
N ARG A 484 -9.42 -14.04 24.11
CA ARG A 484 -10.60 -13.50 23.41
C ARG A 484 -10.22 -12.61 22.22
N GLU A 485 -9.32 -11.62 22.44
CA GLU A 485 -8.86 -10.69 21.40
C GLU A 485 -8.09 -11.44 20.28
N THR A 486 -7.29 -12.43 20.69
CA THR A 486 -6.47 -13.31 19.83
C THR A 486 -7.36 -14.19 18.92
N ALA A 487 -8.40 -14.82 19.49
CA ALA A 487 -9.34 -15.69 18.76
C ALA A 487 -10.14 -14.87 17.73
N CYS A 488 -10.48 -13.62 18.08
CA CYS A 488 -11.20 -12.69 17.22
C CYS A 488 -10.36 -12.25 16.02
N LEU A 489 -9.02 -12.07 16.18
CA LEU A 489 -8.13 -11.74 15.07
C LEU A 489 -8.05 -12.94 14.15
N GLY A 490 -7.97 -14.12 14.74
CA GLY A 490 -7.96 -15.40 14.04
C GLY A 490 -9.21 -15.59 13.22
N LYS A 491 -10.36 -15.23 13.80
CA LYS A 491 -11.68 -15.31 13.14
C LYS A 491 -11.73 -14.35 11.94
N ALA A 492 -11.11 -13.16 12.06
CA ALA A 492 -11.04 -12.19 10.98
C ALA A 492 -10.24 -12.76 9.80
N TYR A 493 -9.05 -13.38 10.06
CA TYR A 493 -8.18 -14.05 9.07
C TYR A 493 -8.93 -15.17 8.39
N ALA A 494 -9.63 -16.00 9.18
CA ALA A 494 -10.44 -17.12 8.71
C ALA A 494 -11.52 -16.64 7.76
N GLN A 495 -12.23 -15.54 8.13
CA GLN A 495 -13.30 -15.00 7.30
C GLN A 495 -12.79 -14.35 6.04
N MET A 496 -11.58 -13.72 6.08
CA MET A 496 -10.94 -13.13 4.88
C MET A 496 -10.65 -14.26 3.89
N TRP A 497 -10.11 -15.37 4.39
CA TRP A 497 -9.81 -16.58 3.60
C TRP A 497 -11.05 -17.15 2.98
N SER A 498 -12.19 -17.19 3.72
CA SER A 498 -13.43 -17.70 3.16
C SER A 498 -13.98 -16.80 2.07
N LEU A 499 -13.64 -15.48 2.07
CA LEU A 499 -14.13 -14.59 1.00
C LEU A 499 -13.23 -14.47 -0.19
N MET A 500 -11.92 -14.40 0.05
CA MET A 500 -10.91 -14.22 -1.01
C MET A 500 -10.16 -15.46 -1.39
N TYR A 501 -9.93 -16.38 -0.42
CA TYR A 501 -9.10 -17.56 -0.70
C TYR A 501 -9.81 -18.91 -0.52
N PHE A 502 -11.15 -18.88 -0.59
CA PHE A 502 -12.06 -20.04 -0.49
C PHE A 502 -11.64 -21.18 -1.44
N HIS A 503 -10.98 -20.82 -2.57
CA HIS A 503 -10.57 -21.73 -3.64
C HIS A 503 -9.30 -22.52 -3.34
N ARG A 504 -8.71 -22.34 -2.13
CA ARG A 504 -7.52 -23.04 -1.65
C ARG A 504 -8.01 -24.01 -0.58
N ARG A 505 -7.83 -25.33 -0.85
CA ARG A 505 -8.31 -26.40 0.00
C ARG A 505 -7.91 -26.27 1.45
N ASP A 506 -6.62 -26.00 1.71
CA ASP A 506 -6.11 -25.88 3.08
C ASP A 506 -6.66 -24.67 3.80
N LEU A 507 -6.82 -23.54 3.09
CA LEU A 507 -7.35 -22.30 3.68
C LEU A 507 -8.82 -22.40 4.02
N ARG A 508 -9.62 -23.05 3.15
CA ARG A 508 -11.03 -23.28 3.46
C ARG A 508 -11.15 -24.21 4.69
N LEU A 509 -10.29 -25.25 4.76
CA LEU A 509 -10.31 -26.16 5.91
C LEU A 509 -9.89 -25.44 7.20
N ALA A 510 -8.75 -24.72 7.16
CA ALA A 510 -8.30 -23.98 8.33
C ALA A 510 -9.33 -22.93 8.74
N SER A 511 -9.94 -22.22 7.77
CA SER A 511 -10.97 -21.19 7.99
C SER A 511 -12.16 -21.80 8.76
N ASN A 512 -12.65 -22.96 8.30
CA ASN A 512 -13.75 -23.70 8.91
C ASN A 512 -13.37 -24.18 10.33
N ALA A 513 -12.09 -24.60 10.53
CA ALA A 513 -11.59 -25.01 11.84
C ALA A 513 -11.54 -23.81 12.81
N ILE A 514 -11.01 -22.66 12.36
CA ILE A 514 -10.94 -21.45 13.18
C ILE A 514 -12.34 -20.97 13.60
N CYS A 515 -13.29 -20.88 12.65
CA CYS A 515 -14.66 -20.45 12.90
C CYS A 515 -15.46 -21.41 13.79
N SER A 516 -15.06 -22.70 13.81
CA SER A 516 -15.64 -23.76 14.64
C SER A 516 -15.15 -23.67 16.09
N ALA A 517 -13.88 -23.22 16.27
CA ALA A 517 -13.17 -23.11 17.55
C ALA A 517 -13.45 -21.80 18.31
N VAL A 518 -13.88 -20.75 17.59
CA VAL A 518 -14.12 -19.40 18.11
C VAL A 518 -15.64 -19.19 18.30
N PRO A 519 -16.08 -18.63 19.46
CA PRO A 519 -17.52 -18.42 19.69
C PRO A 519 -18.18 -17.67 18.54
N VAL A 520 -19.27 -18.26 18.04
CA VAL A 520 -20.06 -17.80 16.90
C VAL A 520 -20.55 -16.35 16.98
N HIS A 521 -20.83 -15.86 18.19
CA HIS A 521 -21.30 -14.47 18.34
C HIS A 521 -20.20 -13.45 18.61
N TRP A 522 -18.94 -13.91 18.70
CA TRP A 522 -17.80 -13.01 18.92
C TRP A 522 -17.51 -12.30 17.62
N VAL A 523 -17.39 -10.97 17.70
CA VAL A 523 -17.16 -10.09 16.56
C VAL A 523 -15.69 -10.09 16.17
N PRO A 524 -15.35 -10.35 14.88
CA PRO A 524 -13.94 -10.24 14.47
C PRO A 524 -13.50 -8.79 14.63
N THR A 525 -12.42 -8.58 15.37
CA THR A 525 -11.84 -7.27 15.61
C THR A 525 -10.39 -7.28 15.15
N SER A 526 -9.81 -6.08 15.00
CA SER A 526 -8.44 -5.83 14.55
C SER A 526 -8.27 -6.21 13.07
N ARG A 527 -7.45 -5.45 12.37
CA ARG A 527 -7.23 -5.69 10.95
C ARG A 527 -6.37 -6.88 10.62
N THR A 528 -6.70 -7.52 9.49
CA THR A 528 -5.98 -8.67 8.94
C THR A 528 -4.86 -8.17 8.02
N THR A 529 -5.10 -6.99 7.40
CA THR A 529 -4.23 -6.36 6.41
C THR A 529 -4.34 -4.84 6.39
N TRP A 530 -3.25 -4.19 5.95
CA TRP A 530 -3.17 -2.73 5.82
C TRP A 530 -3.29 -2.34 4.35
N SER A 531 -3.43 -3.36 3.47
CA SER A 531 -3.55 -3.19 2.02
C SER A 531 -4.67 -2.22 1.66
N ILE A 532 -4.38 -1.33 0.69
CA ILE A 532 -5.34 -0.34 0.17
C ILE A 532 -6.48 -1.05 -0.57
N HIS A 533 -6.26 -2.30 -1.03
CA HIS A 533 -7.24 -3.11 -1.77
C HIS A 533 -8.21 -3.90 -0.88
N ALA A 534 -7.94 -3.97 0.43
CA ALA A 534 -8.79 -4.70 1.36
C ALA A 534 -10.03 -3.88 1.70
N HIS A 535 -11.24 -4.46 1.52
CA HIS A 535 -12.51 -3.78 1.83
C HIS A 535 -13.11 -4.32 3.16
N HIS A 536 -12.43 -5.32 3.78
CA HIS A 536 -12.78 -5.81 5.10
C HIS A 536 -14.23 -6.36 5.25
N GLN A 537 -14.79 -6.93 4.17
CA GLN A 537 -16.14 -7.54 4.16
C GLN A 537 -16.21 -8.74 5.11
N TRP A 538 -15.06 -9.20 5.61
CA TRP A 538 -14.93 -10.29 6.55
C TRP A 538 -15.05 -9.85 8.02
N MET A 539 -15.06 -8.54 8.27
CA MET A 539 -15.19 -7.94 9.60
C MET A 539 -16.70 -7.85 9.88
N THR A 540 -17.32 -8.98 10.19
CA THR A 540 -18.77 -9.12 10.40
C THR A 540 -19.07 -10.42 11.13
N THR A 541 -20.32 -10.56 11.64
CA THR A 541 -20.80 -11.79 12.27
C THR A 541 -21.86 -12.40 11.37
N GLU A 542 -22.10 -11.73 10.24
CA GLU A 542 -23.00 -12.15 9.18
C GLU A 542 -22.45 -13.43 8.60
N ASP A 543 -23.36 -14.29 8.13
CA ASP A 543 -23.07 -15.57 7.50
C ASP A 543 -22.10 -15.37 6.30
N MET A 544 -20.96 -16.09 6.33
CA MET A 544 -19.92 -16.00 5.28
C MET A 544 -20.37 -16.35 3.89
N LEU A 545 -21.27 -17.35 3.75
CA LEU A 545 -21.84 -17.71 2.44
C LEU A 545 -22.68 -16.58 1.83
N THR A 546 -23.37 -15.81 2.69
CA THR A 546 -24.18 -14.64 2.32
C THR A 546 -23.26 -13.53 1.86
N VAL A 547 -22.17 -13.27 2.62
CA VAL A 547 -21.17 -12.27 2.24
C VAL A 547 -20.53 -12.69 0.89
N TRP A 548 -20.18 -14.00 0.76
CA TRP A 548 -19.59 -14.57 -0.47
C TRP A 548 -20.46 -14.28 -1.66
N ASN A 549 -21.80 -14.58 -1.58
CA ASN A 549 -22.80 -14.32 -2.64
C ASN A 549 -22.91 -12.89 -3.00
N ARG A 550 -22.89 -12.01 -1.99
CA ARG A 550 -22.97 -10.56 -2.20
C ARG A 550 -21.75 -10.11 -3.02
N VAL A 551 -20.55 -10.51 -2.60
CA VAL A 551 -19.29 -10.11 -3.27
C VAL A 551 -19.11 -10.68 -4.69
N TRP A 552 -19.19 -12.01 -4.80
CA TRP A 552 -18.90 -12.76 -6.01
C TRP A 552 -20.01 -12.94 -6.99
N ILE A 553 -21.27 -12.75 -6.56
CA ILE A 553 -22.44 -12.93 -7.43
C ILE A 553 -23.22 -11.61 -7.55
N GLU A 554 -23.97 -11.23 -6.49
CA GLU A 554 -24.84 -10.04 -6.52
C GLU A 554 -24.16 -8.79 -6.99
N GLU A 555 -23.11 -8.37 -6.29
CA GLU A 555 -22.44 -7.09 -6.56
C GLU A 555 -21.33 -7.17 -7.55
N ASN A 556 -21.00 -8.39 -8.04
CA ASN A 556 -19.94 -8.63 -9.02
C ASN A 556 -20.39 -8.19 -10.42
N PRO A 557 -19.83 -7.10 -10.97
CA PRO A 557 -20.25 -6.67 -12.32
C PRO A 557 -19.88 -7.62 -13.44
N TRP A 558 -18.89 -8.52 -13.21
CA TRP A 558 -18.52 -9.48 -14.26
C TRP A 558 -19.32 -10.79 -14.14
N MET A 559 -20.33 -10.82 -13.23
CA MET A 559 -21.23 -11.97 -13.04
C MET A 559 -22.58 -11.57 -13.60
N GLU A 560 -22.87 -11.98 -14.84
CA GLU A 560 -24.11 -11.64 -15.53
C GLU A 560 -25.30 -12.40 -14.90
N ASP A 561 -25.16 -13.70 -14.67
CA ASP A 561 -26.21 -14.51 -14.07
C ASP A 561 -26.10 -14.36 -12.54
N LYS A 562 -27.16 -13.80 -11.93
CA LYS A 562 -27.23 -13.53 -10.49
C LYS A 562 -27.79 -14.66 -9.61
N THR A 563 -27.90 -15.89 -10.13
CA THR A 563 -28.41 -17.02 -9.34
C THR A 563 -27.57 -17.20 -8.08
N PRO A 564 -28.15 -17.20 -6.87
CA PRO A 564 -27.32 -17.36 -5.68
C PRO A 564 -26.79 -18.77 -5.51
N VAL A 565 -25.64 -18.87 -4.85
CA VAL A 565 -25.00 -20.12 -4.47
C VAL A 565 -25.54 -20.38 -3.07
N THR A 566 -26.24 -21.50 -2.90
CA THR A 566 -26.92 -21.87 -1.65
C THR A 566 -26.10 -22.71 -0.70
N THR A 567 -24.97 -23.24 -1.20
CA THR A 567 -24.09 -24.10 -0.41
C THR A 567 -22.60 -23.92 -0.76
N TRP A 568 -21.70 -24.10 0.23
CA TRP A 568 -20.26 -24.06 0.05
C TRP A 568 -19.80 -25.15 -0.94
N GLU A 569 -20.57 -26.27 -1.07
CA GLU A 569 -20.27 -27.36 -2.00
CA GLU A 569 -20.22 -27.34 -2.00
C GLU A 569 -20.29 -26.87 -3.45
N ASN A 570 -20.95 -25.74 -3.69
CA ASN A 570 -21.07 -25.12 -5.00
C ASN A 570 -20.09 -23.95 -5.14
N VAL A 571 -19.29 -23.67 -4.08
CA VAL A 571 -18.23 -22.65 -4.13
C VAL A 571 -16.95 -23.40 -4.58
N PRO A 572 -16.43 -23.13 -5.80
CA PRO A 572 -15.33 -23.96 -6.33
C PRO A 572 -13.95 -23.76 -5.70
N TYR A 573 -13.08 -24.69 -6.07
CA TYR A 573 -11.70 -24.76 -5.68
C TYR A 573 -10.85 -24.61 -6.93
N LEU A 574 -9.58 -24.22 -6.73
CA LEU A 574 -8.58 -24.21 -7.80
C LEU A 574 -8.46 -25.67 -8.22
N GLY A 575 -8.01 -25.91 -9.44
CA GLY A 575 -7.70 -27.27 -9.87
C GLY A 575 -6.63 -27.79 -8.92
N LYS A 576 -6.72 -29.08 -8.53
CA LYS A 576 -5.81 -29.75 -7.60
C LYS A 576 -4.33 -29.43 -7.87
N ARG A 577 -3.90 -29.51 -9.14
CA ARG A 577 -2.54 -29.24 -9.61
CA ARG A 577 -2.53 -29.23 -9.57
C ARG A 577 -2.14 -27.77 -9.33
N GLU A 578 -3.02 -26.80 -9.69
CA GLU A 578 -2.82 -25.35 -9.46
C GLU A 578 -2.76 -25.02 -7.95
N ASP A 579 -3.57 -25.73 -7.15
CA ASP A 579 -3.59 -25.53 -5.70
C ASP A 579 -2.22 -25.92 -5.12
N GLN A 580 -1.72 -27.09 -5.53
CA GLN A 580 -0.42 -27.65 -5.16
C GLN A 580 0.75 -26.76 -5.60
N TRP A 581 0.70 -26.25 -6.84
CA TRP A 581 1.71 -25.34 -7.39
C TRP A 581 1.79 -24.05 -6.57
N CYS A 582 0.63 -23.61 -6.03
CA CYS A 582 0.59 -22.40 -5.22
C CYS A 582 0.75 -22.57 -3.72
N GLY A 583 1.30 -23.71 -3.34
CA GLY A 583 1.68 -24.02 -1.97
C GLY A 583 0.86 -25.01 -1.17
N SER A 584 -0.20 -25.62 -1.76
CA SER A 584 -1.02 -26.56 -1.00
C SER A 584 -0.28 -27.76 -0.44
N LEU A 585 -0.63 -28.17 0.79
CA LEU A 585 -0.08 -29.38 1.39
C LEU A 585 -0.94 -30.63 1.08
N ILE A 586 -2.01 -30.47 0.26
CA ILE A 586 -2.88 -31.59 -0.14
C ILE A 586 -2.04 -32.64 -0.83
N GLY A 587 -2.31 -33.90 -0.52
CA GLY A 587 -1.58 -35.03 -1.08
C GLY A 587 -0.52 -35.55 -0.13
N LEU A 588 -0.10 -34.72 0.85
CA LEU A 588 0.88 -35.13 1.86
C LEU A 588 0.17 -35.78 3.03
N THR A 589 0.87 -36.70 3.70
CA THR A 589 0.41 -37.48 4.86
C THR A 589 0.17 -36.54 6.04
N SER A 590 1.12 -35.60 6.30
CA SER A 590 1.00 -34.61 7.38
C SER A 590 -0.29 -33.80 7.27
N ARG A 591 -0.73 -33.53 6.01
CA ARG A 591 -1.94 -32.80 5.71
C ARG A 591 -3.17 -33.68 5.99
N ALA A 592 -3.15 -34.95 5.49
CA ALA A 592 -4.23 -35.93 5.67
C ALA A 592 -4.46 -36.19 7.16
N THR A 593 -3.36 -36.29 7.94
CA THR A 593 -3.35 -36.50 9.38
C THR A 593 -4.00 -35.29 10.07
N TRP A 594 -3.69 -34.06 9.60
CA TRP A 594 -4.22 -32.79 10.11
C TRP A 594 -5.71 -32.71 9.88
N ALA A 595 -6.15 -33.00 8.65
CA ALA A 595 -7.55 -32.97 8.25
C ALA A 595 -8.43 -33.91 9.10
N GLN A 596 -7.93 -35.13 9.38
CA GLN A 596 -8.64 -36.13 10.18
C GLN A 596 -8.72 -35.76 11.67
N ASN A 597 -7.61 -35.26 12.23
CA ASN A 597 -7.45 -34.90 13.64
C ASN A 597 -7.86 -33.47 14.02
N ILE A 598 -8.37 -32.69 13.04
CA ILE A 598 -8.79 -31.31 13.27
C ILE A 598 -9.89 -31.14 14.36
N PRO A 599 -10.93 -32.02 14.46
CA PRO A 599 -11.94 -31.84 15.53
C PRO A 599 -11.37 -31.83 16.95
N THR A 600 -10.26 -32.56 17.17
CA THR A 600 -9.53 -32.66 18.44
C THR A 600 -8.90 -31.29 18.78
N ALA A 601 -8.18 -30.67 17.81
CA ALA A 601 -7.56 -29.35 17.97
C ALA A 601 -8.65 -28.26 18.20
N ILE A 602 -9.78 -28.32 17.46
CA ILE A 602 -10.92 -27.40 17.60
C ILE A 602 -11.42 -27.47 19.05
N GLN A 603 -11.70 -28.72 19.52
CA GLN A 603 -12.16 -29.02 20.88
C GLN A 603 -11.26 -28.47 21.96
N GLN A 604 -9.93 -28.59 21.77
CA GLN A 604 -8.92 -28.06 22.70
C GLN A 604 -9.02 -26.55 22.81
N VAL A 605 -9.17 -25.85 21.66
CA VAL A 605 -9.33 -24.40 21.61
C VAL A 605 -10.62 -24.04 22.33
N ARG A 606 -11.69 -24.79 22.06
CA ARG A 606 -12.99 -24.58 22.72
C ARG A 606 -12.91 -24.67 24.26
N SER A 607 -12.22 -25.71 24.78
CA SER A 607 -12.03 -25.96 26.23
C SER A 607 -11.33 -24.79 26.91
N LEU A 608 -10.31 -24.20 26.27
CA LEU A 608 -9.54 -23.08 26.82
C LEU A 608 -10.28 -21.76 26.77
N ILE A 609 -11.14 -21.57 25.73
CA ILE A 609 -11.98 -20.38 25.62
C ILE A 609 -13.04 -20.48 26.73
N GLY A 610 -13.60 -21.66 26.92
CA GLY A 610 -14.58 -21.92 27.97
C GLY A 610 -16.00 -22.18 27.52
N ASN A 611 -16.95 -21.96 28.44
CA ASN A 611 -18.39 -22.15 28.22
C ASN A 611 -18.98 -21.01 27.40
N GLU A 612 -19.03 -21.22 26.08
CA GLU A 612 -19.56 -20.27 25.09
C GLU A 612 -20.37 -21.02 24.03
N GLU A 613 -21.04 -20.27 23.15
CA GLU A 613 -21.85 -20.83 22.05
C GLU A 613 -20.97 -21.00 20.80
N PHE A 614 -20.72 -22.25 20.44
CA PHE A 614 -19.91 -22.63 19.28
C PHE A 614 -20.77 -23.26 18.19
N LEU A 615 -20.28 -23.28 16.95
CA LEU A 615 -20.95 -23.85 15.79
C LEU A 615 -19.94 -24.68 14.96
N ASP A 616 -20.31 -25.91 14.56
CA ASP A 616 -19.41 -26.75 13.78
CA ASP A 616 -19.42 -26.78 13.79
C ASP A 616 -19.55 -26.49 12.29
N TYR A 617 -18.45 -25.99 11.66
CA TYR A 617 -18.41 -25.64 10.23
C TYR A 617 -17.72 -26.71 9.37
N MET A 618 -17.22 -27.80 9.98
CA MET A 618 -16.53 -28.87 9.25
C MET A 618 -17.44 -29.73 8.37
ZN ZN B . -2.52 -19.28 -7.35
ZN ZN C . 4.35 22.41 9.16
CL1 VWS D . -5.34 10.40 6.40
C5 VWS D . -5.29 8.65 6.68
C4 VWS D . -5.40 8.31 8.01
C3 VWS D . -5.37 6.96 8.37
C6 VWS D . -5.17 7.68 5.64
C2 VWS D . -5.15 6.31 6.02
C1 VWS D . -5.24 5.95 7.43
S1 VWS D . -5.18 4.45 8.05
O1 VWS D . -6.34 3.89 8.71
O2 VWS D . -5.55 3.67 6.87
N1 VWS D . -3.73 3.82 8.10
C12 VWS D . -2.59 4.08 7.37
C7 VWS D . -2.52 3.89 5.96
C8 VWS D . -1.31 4.13 5.27
C11 VWS D . -1.42 4.52 8.10
C10 VWS D . -0.21 4.75 7.40
C13 VWS D . 1.13 5.17 7.73
C15 VWS D . 1.60 5.52 9.13
O4 VWS D . 0.86 5.42 10.14
O5 VWS D . 2.77 5.96 9.27
C9 VWS D . -0.16 4.56 6.00
O3 VWS D . 1.04 4.82 5.52
C14 VWS D . 1.89 5.19 6.54
C16 VWS D . 3.32 5.52 6.16
CL1 VWS E . -0.20 8.46 7.85
C5 VWS E . -0.39 8.16 6.09
C4 VWS E . -1.69 7.88 5.64
C3 VWS E . -1.89 7.65 4.27
C6 VWS E . 0.71 8.20 5.17
C2 VWS E . 0.49 7.96 3.78
C1 VWS E . -0.85 7.67 3.30
S1 VWS E . -1.30 7.39 1.72
O1 VWS E . -1.81 8.60 1.02
O2 VWS E . 0.02 7.47 1.10
N1 VWS E . -1.33 5.86 1.16
C12 VWS E . -2.23 4.91 1.61
C7 VWS E . -1.82 3.54 1.73
C8 VWS E . -2.73 2.55 2.20
C11 VWS E . -3.57 5.27 1.99
C10 VWS E . -4.47 4.29 2.46
C13 VWS E . -5.83 4.28 2.91
C15 VWS E . -6.69 5.54 2.96
O4 VWS E . -7.89 5.43 3.37
O5 VWS E . -6.24 6.70 2.64
C9 VWS E . -4.06 2.93 2.57
O3 VWS E . -5.05 2.14 3.03
C14 VWS E . -6.16 2.94 3.25
C16 VWS E . -7.39 2.24 3.78
C1 PEG F . -16.96 -2.21 -16.43
O1 PEG F . -17.07 -0.90 -15.86
C2 PEG F . -17.03 -3.33 -15.40
O2 PEG F . -17.17 -4.59 -16.08
C3 PEG F . -18.42 -5.19 -16.13
C4 PEG F . -18.53 -6.04 -17.34
O4 PEG F . -19.56 -5.54 -18.27
#